data_4ZLB
#
_entry.id   4ZLB
#
_cell.length_a   129.380
_cell.length_b   139.570
_cell.length_c   45.100
_cell.angle_alpha   90.00
_cell.angle_beta   90.00
_cell.angle_gamma   90.00
#
_symmetry.space_group_name_H-M   'P 21 21 2'
#
loop_
_entity.id
_entity.type
_entity.pdbx_description
1 polymer 'rRNA N-glycosidase'
2 polymer 'rRNA N-glycosidase'
3 branched 2-acetamido-2-deoxy-beta-D-glucopyranose-(1-4)-2-acetamido-2-deoxy-beta-D-glucopyranose
4 branched alpha-L-fucopyranose-(1-3)-2-acetamido-2-deoxy-beta-D-glucopyranose
5 branched beta-D-mannopyranose-(1-4)-2-acetamido-2-deoxy-beta-D-glucopyranose
6 branched beta-D-galactopyranose-(1-4)-beta-D-glucopyranose
7 non-polymer 2-acetamido-2-deoxy-beta-D-glucopyranose
8 non-polymer beta-D-xylopyranose
9 water water
#
loop_
_entity_poly.entity_id
_entity_poly.type
_entity_poly.pdbx_seq_one_letter_code
_entity_poly.pdbx_strand_id
1 'polypeptide(L)'
;NLSLSQSNFSADTYKSFIKNLRKQLTIGASYGSAGIPILKHSVPICERFLLVDLTNGDNETITLAINVEDAGFAAYRAAD
RSYFFQNAPPIASYVIFTDTNQNIMNFNNTFESIEIVGGTTRSETPLGIMHFEASIFHLFVHDENYVPTSFLVLIQMVLE
AAKFKFIEQKVIHSIMDMEDFTPGLAMLSLEENWTQLSLQLQASESLNGVFGDSVSLYNSMDEPIGVDSMYYPILTANMA
FQLYQCP
;
A
2 'polypeptide(L)'
;NEQCSPQQRTTRISGRDGLCVDVYGALTADGSRVILYPCGQQQNQQWTFYPDNTIRSLGKCLATSALSSGSNVVITNCDY
LRYDDGWMVSSSGTMMNKSSHLVLTANAATSRTNLTGENNVFAAKQAWRIGNYVEPIVTTIIGLRHMCLEATDNDTNVWL
ESCVKNKTKQYWALYSDDTIRVNNNRNLCVSSSTDSSSKLIVIRRCDGSINQRWVFTPQGTISNPGYEAVMDVAQNDVYL
KKIVLSSATDKGNGQQWTVFY
;
B
#
loop_
_chem_comp.id
_chem_comp.type
_chem_comp.name
_chem_comp.formula
BGC D-saccharide, beta linking beta-D-glucopyranose 'C6 H12 O6'
BMA D-saccharide, beta linking beta-D-mannopyranose 'C6 H12 O6'
FUC L-saccharide, alpha linking alpha-L-fucopyranose 'C6 H12 O5'
GAL D-saccharide, beta linking beta-D-galactopyranose 'C6 H12 O6'
NAG D-saccharide, beta linking 2-acetamido-2-deoxy-beta-D-glucopyranose 'C8 H15 N O6'
XYP D-saccharide, beta linking beta-D-xylopyranose 'C5 H10 O5'
#
# COMPACT_ATOMS: atom_id res chain seq x y z
N ASN A 1 -15.77 24.83 -1.69
CA ASN A 1 -14.46 24.14 -1.89
C ASN A 1 -13.98 23.50 -0.61
N LEU A 2 -13.24 22.40 -0.76
CA LEU A 2 -12.66 21.68 0.37
C LEU A 2 -11.60 22.53 1.05
N SER A 3 -11.65 22.62 2.38
CA SER A 3 -10.84 23.59 3.11
C SER A 3 -10.05 22.98 4.26
N LEU A 4 -8.92 23.64 4.56
CA LEU A 4 -8.09 23.27 5.70
C LEU A 4 -7.46 24.54 6.27
N SER A 5 -8.15 25.15 7.23
CA SER A 5 -7.62 26.30 7.96
C SER A 5 -6.61 25.83 8.99
N GLN A 6 -5.54 26.60 9.17
CA GLN A 6 -4.56 26.30 10.21
C GLN A 6 -5.13 26.55 11.61
N SER A 7 -6.14 27.44 11.69
CA SER A 7 -6.90 27.68 12.93
C SER A 7 -7.65 26.45 13.46
N ASN A 8 -8.02 25.55 12.54
CA ASN A 8 -8.54 24.23 12.90
C ASN A 8 -7.74 23.12 12.21
N PHE A 9 -6.62 22.76 12.83
CA PHE A 9 -5.63 21.87 12.23
C PHE A 9 -5.20 20.82 13.26
N SER A 10 -6.11 19.90 13.55
CA SER A 10 -5.83 18.75 14.39
C SER A 10 -5.50 17.52 13.55
N ALA A 11 -5.08 16.46 14.22
CA ALA A 11 -4.90 15.17 13.58
C ALA A 11 -6.21 14.69 12.95
N ASP A 12 -7.32 14.87 13.68
CA ASP A 12 -8.65 14.45 13.22
C ASP A 12 -9.09 15.26 12.00
N THR A 13 -8.85 16.57 12.04
CA THR A 13 -9.25 17.47 10.97
C THR A 13 -8.43 17.22 9.71
N TYR A 14 -7.11 17.13 9.90
CA TYR A 14 -6.19 16.84 8.81
C TYR A 14 -6.60 15.56 8.09
N LYS A 15 -6.83 14.50 8.86
CA LYS A 15 -7.26 13.21 8.34
C LYS A 15 -8.59 13.30 7.57
N SER A 16 -9.52 14.09 8.09
CA SER A 16 -10.82 14.31 7.43
C SER A 16 -10.67 15.05 6.09
N PHE A 17 -9.78 16.03 6.07
CA PHE A 17 -9.44 16.75 4.83
C PHE A 17 -8.84 15.80 3.79
N ILE A 18 -7.80 15.08 4.19
CA ILE A 18 -7.11 14.14 3.30
C ILE A 18 -8.07 13.06 2.78
N LYS A 19 -8.92 12.54 3.67
CA LYS A 19 -9.92 11.53 3.32
C LYS A 19 -10.89 12.05 2.27
N ASN A 20 -11.40 13.27 2.48
CA ASN A 20 -12.30 13.90 1.52
C ASN A 20 -11.62 14.23 0.20
N LEU A 21 -10.37 14.66 0.27
CA LEU A 21 -9.60 14.94 -0.94
C LEU A 21 -9.49 13.68 -1.83
N ARG A 22 -9.16 12.55 -1.22
CA ARG A 22 -9.14 11.26 -1.95
C ARG A 22 -10.47 10.95 -2.61
N LYS A 23 -11.55 11.05 -1.83
CA LYS A 23 -12.90 10.77 -2.29
C LYS A 23 -13.23 11.55 -3.57
N GLN A 24 -12.94 12.85 -3.55
CA GLN A 24 -13.25 13.75 -4.66
C GLN A 24 -12.39 13.49 -5.91
N LEU A 25 -11.11 13.14 -5.69
CA LEU A 25 -10.22 12.77 -6.79
C LEU A 25 -10.61 11.43 -7.43
N THR A 26 -11.18 10.52 -6.64
CA THR A 26 -11.54 9.16 -7.09
C THR A 26 -12.99 9.03 -7.57
N ILE A 27 -13.68 10.15 -7.79
CA ILE A 27 -15.00 10.13 -8.44
C ILE A 27 -14.80 9.68 -9.88
N GLY A 28 -15.57 8.68 -10.30
CA GLY A 28 -15.46 8.12 -11.65
C GLY A 28 -14.15 7.38 -11.90
N ALA A 29 -13.54 6.87 -10.83
CA ALA A 29 -12.28 6.14 -10.94
C ALA A 29 -12.55 4.72 -11.42
N SER A 30 -11.65 4.21 -12.27
CA SER A 30 -11.68 2.79 -12.65
C SER A 30 -10.92 1.97 -11.62
N TYR A 31 -11.19 0.66 -11.61
CA TYR A 31 -10.67 -0.24 -10.59
C TYR A 31 -10.13 -1.52 -11.23
N GLY A 32 -8.92 -1.92 -10.82
CA GLY A 32 -8.30 -3.16 -11.27
C GLY A 32 -8.46 -4.27 -10.24
N SER A 33 -7.65 -5.31 -10.39
CA SER A 33 -7.66 -6.46 -9.48
C SER A 33 -7.15 -6.10 -8.08
N ALA A 34 -6.20 -5.17 -8.01
CA ALA A 34 -5.68 -4.67 -6.73
C ALA A 34 -6.72 -3.94 -5.86
N GLY A 35 -7.76 -3.39 -6.49
CA GLY A 35 -8.81 -2.66 -5.77
C GLY A 35 -8.43 -1.26 -5.37
N ILE A 36 -7.39 -0.70 -6.01
CA ILE A 36 -6.91 0.65 -5.73
C ILE A 36 -7.34 1.54 -6.89
N PRO A 37 -8.13 2.61 -6.61
CA PRO A 37 -8.70 3.41 -7.70
C PRO A 37 -7.67 4.01 -8.67
N ILE A 38 -8.06 4.06 -9.95
CA ILE A 38 -7.25 4.64 -11.00
C ILE A 38 -7.92 5.94 -11.40
N LEU A 39 -7.15 7.03 -11.47
CA LEU A 39 -7.68 8.36 -11.77
C LEU A 39 -8.25 8.45 -13.19
N LYS A 40 -9.10 9.46 -13.38
CA LYS A 40 -9.78 9.68 -14.66
C LYS A 40 -8.78 10.10 -15.72
N HIS A 41 -9.12 9.86 -16.97
CA HIS A 41 -8.26 10.15 -18.11
C HIS A 41 -9.08 10.67 -19.29
N SER A 42 -8.42 11.46 -20.15
CA SER A 42 -9.07 12.16 -21.28
C SER A 42 -10.21 13.07 -20.81
N VAL A 43 -10.02 13.71 -19.65
CA VAL A 43 -11.05 14.54 -19.03
C VAL A 43 -11.08 15.88 -19.78
N PRO A 44 -12.27 16.30 -20.27
CA PRO A 44 -12.35 17.61 -20.94
C PRO A 44 -11.84 18.72 -20.03
N ILE A 45 -11.10 19.66 -20.60
CA ILE A 45 -10.40 20.69 -19.83
C ILE A 45 -11.32 21.48 -18.87
N CYS A 46 -12.58 21.63 -19.22
CA CYS A 46 -13.54 22.31 -18.41
C CYS A 46 -13.86 21.62 -17.08
N GLU A 47 -13.75 20.31 -17.03
CA GLU A 47 -14.01 19.54 -15.81
C GLU A 47 -12.74 18.97 -15.14
N ARG A 48 -11.57 19.36 -15.62
CA ARG A 48 -10.31 18.68 -15.24
C ARG A 48 -9.70 19.16 -13.92
N PHE A 49 -10.24 20.22 -13.31
CA PHE A 49 -9.63 20.80 -12.12
C PHE A 49 -10.53 20.70 -10.90
N LEU A 50 -9.91 20.50 -9.74
CA LEU A 50 -10.58 20.43 -8.45
C LEU A 50 -9.99 21.53 -7.59
N LEU A 51 -10.87 22.37 -7.03
CA LEU A 51 -10.44 23.53 -6.25
C LEU A 51 -10.38 23.19 -4.78
N VAL A 52 -9.32 23.67 -4.13
CA VAL A 52 -9.06 23.41 -2.71
C VAL A 52 -8.57 24.71 -2.05
N ASP A 53 -9.13 25.02 -0.88
CA ASP A 53 -8.84 26.28 -0.17
C ASP A 53 -7.99 26.05 1.07
N LEU A 54 -6.90 26.80 1.19
CA LEU A 54 -5.97 26.68 2.32
C LEU A 54 -5.81 28.04 2.98
N THR A 55 -6.15 28.09 4.27
CA THR A 55 -6.16 29.34 5.03
C THR A 55 -5.05 29.36 6.08
N ASN A 56 -4.46 30.53 6.28
CA ASN A 56 -3.32 30.73 7.18
C ASN A 56 -3.73 31.43 8.47
N GLY A 57 -2.76 31.77 9.32
CA GLY A 57 -3.01 32.40 10.62
C GLY A 57 -3.60 33.81 10.58
N ASP A 58 -3.67 34.40 9.39
CA ASP A 58 -4.29 35.71 9.18
C ASP A 58 -5.72 35.63 8.62
N ASN A 59 -6.31 34.43 8.58
CA ASN A 59 -7.59 34.20 7.90
C ASN A 59 -7.56 34.59 6.41
N GLU A 60 -6.38 34.44 5.79
CA GLU A 60 -6.16 34.75 4.37
C GLU A 60 -5.94 33.45 3.62
N THR A 61 -6.58 33.32 2.46
CA THR A 61 -6.74 32.03 1.77
C THR A 61 -6.15 32.02 0.36
N ILE A 62 -5.59 30.87 -0.01
CA ILE A 62 -5.20 30.57 -1.39
C ILE A 62 -6.09 29.43 -1.90
N THR A 63 -6.55 29.54 -3.14
CA THR A 63 -7.33 28.48 -3.78
C THR A 63 -6.42 27.81 -4.81
N LEU A 64 -6.14 26.51 -4.62
CA LEU A 64 -5.25 25.76 -5.49
C LEU A 64 -6.06 24.95 -6.49
N ALA A 65 -5.56 24.86 -7.72
CA ALA A 65 -6.22 24.11 -8.78
C ALA A 65 -5.48 22.80 -8.98
N ILE A 66 -6.14 21.69 -8.60
CA ILE A 66 -5.55 20.36 -8.69
C ILE A 66 -6.08 19.64 -9.95
N ASN A 67 -5.16 19.28 -10.85
CA ASN A 67 -5.47 18.46 -12.02
C ASN A 67 -5.96 17.10 -11.54
N VAL A 68 -7.23 16.80 -11.80
CA VAL A 68 -7.82 15.52 -11.39
C VAL A 68 -7.18 14.31 -12.07
N GLU A 69 -6.57 14.51 -13.24
CA GLU A 69 -5.92 13.41 -13.95
C GLU A 69 -4.66 12.89 -13.26
N ASP A 70 -3.89 13.77 -12.60
CA ASP A 70 -2.64 13.35 -11.92
C ASP A 70 -2.38 13.87 -10.50
N ALA A 71 -3.35 14.56 -9.89
CA ALA A 71 -3.22 15.09 -8.54
C ALA A 71 -1.97 15.95 -8.35
N GLY A 72 -1.77 16.88 -9.29
CA GLY A 72 -0.72 17.90 -9.21
C GLY A 72 -1.34 19.27 -9.35
N PHE A 73 -0.68 20.29 -8.78
CA PHE A 73 -1.16 21.68 -8.88
C PHE A 73 -0.89 22.25 -10.26
N ALA A 74 -1.94 22.70 -10.94
CA ALA A 74 -1.82 23.44 -12.20
C ALA A 74 -1.64 24.94 -11.95
N ALA A 75 -2.31 25.46 -10.94
CA ALA A 75 -2.27 26.89 -10.63
C ALA A 75 -2.82 27.16 -9.23
N TYR A 76 -2.80 28.43 -8.82
CA TYR A 76 -3.53 28.86 -7.63
C TYR A 76 -3.96 30.33 -7.70
N ARG A 77 -5.04 30.65 -6.98
CA ARG A 77 -5.54 32.02 -6.85
C ARG A 77 -5.21 32.59 -5.48
N ALA A 78 -4.94 33.89 -5.44
CA ALA A 78 -4.76 34.64 -4.20
C ALA A 78 -5.38 36.01 -4.41
N ALA A 79 -6.45 36.31 -3.67
CA ALA A 79 -7.25 37.53 -3.84
C ALA A 79 -7.75 37.69 -5.29
N ASP A 80 -7.04 38.46 -6.11
CA ASP A 80 -7.38 38.63 -7.53
C ASP A 80 -6.16 38.42 -8.46
N ARG A 81 -5.15 37.72 -7.96
CA ARG A 81 -3.98 37.33 -8.74
C ARG A 81 -3.98 35.81 -8.81
N SER A 82 -3.77 35.26 -10.00
CA SER A 82 -3.57 33.83 -10.18
C SER A 82 -2.20 33.56 -10.78
N TYR A 83 -1.68 32.36 -10.51
CA TYR A 83 -0.32 31.98 -10.90
C TYR A 83 -0.35 30.57 -11.45
N PHE A 84 0.16 30.38 -12.66
CA PHE A 84 0.15 29.10 -13.36
C PHE A 84 1.57 28.56 -13.52
N PHE A 85 1.70 27.24 -13.56
CA PHE A 85 2.95 26.61 -13.97
C PHE A 85 3.04 26.61 -15.50
N GLN A 86 4.25 26.47 -16.03
CA GLN A 86 4.48 26.46 -17.48
C GLN A 86 3.91 25.19 -18.12
N ASN A 87 4.16 24.06 -17.47
CA ASN A 87 3.64 22.76 -17.91
C ASN A 87 2.16 22.50 -17.60
N ALA A 88 1.48 23.43 -16.93
CA ALA A 88 0.03 23.36 -16.76
C ALA A 88 -0.66 23.31 -18.13
N PRO A 89 -1.78 22.58 -18.26
CA PRO A 89 -2.39 22.40 -19.58
C PRO A 89 -2.66 23.74 -20.27
N PRO A 90 -2.32 23.87 -21.58
CA PRO A 90 -2.35 25.17 -22.27
C PRO A 90 -3.69 25.94 -22.17
N ILE A 91 -4.80 25.21 -22.14
CA ILE A 91 -6.14 25.83 -22.11
C ILE A 91 -6.65 26.07 -20.67
N ALA A 92 -5.86 25.72 -19.66
CA ALA A 92 -6.24 25.96 -18.25
C ALA A 92 -6.47 27.44 -17.94
N SER A 93 -5.66 28.29 -18.55
CA SER A 93 -5.81 29.75 -18.51
C SER A 93 -7.24 30.25 -18.77
N TYR A 94 -7.90 29.66 -19.77
CA TYR A 94 -9.26 30.06 -20.18
C TYR A 94 -10.40 29.42 -19.35
N VAL A 95 -10.06 28.57 -18.38
CA VAL A 95 -11.03 27.76 -17.64
C VAL A 95 -11.08 28.02 -16.13
N ILE A 96 -9.92 28.28 -15.50
CA ILE A 96 -9.84 28.51 -14.06
C ILE A 96 -9.27 29.87 -13.73
N PHE A 97 -9.72 30.44 -12.61
CA PHE A 97 -9.28 31.76 -12.15
C PHE A 97 -9.34 32.77 -13.30
N THR A 98 -10.46 32.72 -14.02
CA THR A 98 -10.64 33.49 -15.24
C THR A 98 -10.79 34.99 -14.97
N ASP A 99 -11.38 35.32 -13.83
CA ASP A 99 -11.60 36.71 -13.41
C ASP A 99 -10.51 37.13 -12.41
N THR A 100 -9.25 37.01 -12.83
CA THR A 100 -8.09 37.47 -12.03
C THR A 100 -6.98 37.97 -12.94
N ASN A 101 -5.95 38.57 -12.34
CA ASN A 101 -4.73 38.97 -13.07
C ASN A 101 -3.77 37.79 -13.11
N GLN A 102 -3.74 37.11 -14.27
CA GLN A 102 -3.04 35.83 -14.41
C GLN A 102 -1.55 36.04 -14.66
N ASN A 103 -0.74 35.25 -13.97
CA ASN A 103 0.70 35.21 -14.17
C ASN A 103 1.11 33.77 -14.49
N ILE A 104 2.23 33.64 -15.18
CA ILE A 104 2.83 32.34 -15.47
C ILE A 104 4.13 32.30 -14.70
N MET A 105 4.27 31.33 -13.80
CA MET A 105 5.53 31.11 -13.10
C MET A 105 6.54 30.55 -14.08
N ASN A 106 7.81 30.83 -13.84
CA ASN A 106 8.90 30.51 -14.77
C ASN A 106 9.44 29.07 -14.65
N PHE A 107 8.58 28.11 -14.27
CA PHE A 107 8.99 26.72 -14.02
C PHE A 107 7.80 25.75 -13.99
N ASN A 108 8.12 24.45 -13.98
CA ASN A 108 7.12 23.38 -14.00
C ASN A 108 6.75 22.89 -12.59
N ASN A 109 5.60 22.23 -12.49
CA ASN A 109 5.10 21.67 -11.21
C ASN A 109 5.78 20.40 -10.70
N THR A 110 6.78 19.89 -11.41
CA THR A 110 7.57 18.74 -10.97
C THR A 110 8.52 19.13 -9.82
N PHE A 111 8.83 18.18 -8.95
CA PHE A 111 9.79 18.40 -7.86
C PHE A 111 11.18 18.77 -8.38
N GLU A 112 11.53 18.25 -9.55
CA GLU A 112 12.87 18.47 -10.12
C GLU A 112 13.03 19.90 -10.62
N SER A 113 12.00 20.40 -11.32
CA SER A 113 11.94 21.80 -11.77
C SER A 113 11.85 22.79 -10.60
N ILE A 114 11.11 22.42 -9.56
CA ILE A 114 10.99 23.24 -8.36
C ILE A 114 12.31 23.27 -7.56
N GLU A 115 12.96 22.12 -7.40
CA GLU A 115 14.21 22.03 -6.65
C GLU A 115 15.36 22.75 -7.38
N ILE A 116 15.36 22.69 -8.71
CA ILE A 116 16.35 23.41 -9.52
C ILE A 116 16.20 24.92 -9.32
N VAL A 117 15.00 25.43 -9.53
CA VAL A 117 14.72 26.86 -9.46
C VAL A 117 14.79 27.39 -8.02
N GLY A 118 14.27 26.62 -7.07
CA GLY A 118 14.35 26.99 -5.65
C GLY A 118 15.74 26.93 -5.03
N GLY A 119 16.63 26.14 -5.61
CA GLY A 119 17.99 25.96 -5.09
C GLY A 119 18.10 25.12 -3.83
N THR A 120 17.05 24.35 -3.53
CA THR A 120 17.01 23.49 -2.34
C THR A 120 16.19 22.24 -2.61
N THR A 121 16.58 21.13 -1.99
CA THR A 121 15.91 19.84 -2.15
C THR A 121 14.84 19.65 -1.09
N ARG A 122 14.01 18.63 -1.27
CA ARG A 122 13.04 18.22 -0.26
C ARG A 122 13.72 17.73 1.02
N SER A 123 14.88 17.09 0.89
CA SER A 123 15.64 16.57 2.04
C SER A 123 16.05 17.63 3.06
N GLU A 124 16.18 18.89 2.63
CA GLU A 124 16.57 20.00 3.51
C GLU A 124 15.42 21.02 3.71
N THR A 125 14.19 20.59 3.52
CA THR A 125 13.01 21.43 3.67
C THR A 125 12.12 20.81 4.76
N PRO A 126 12.13 21.39 5.97
CA PRO A 126 11.27 20.83 7.03
C PRO A 126 9.76 20.94 6.74
N LEU A 127 8.98 20.01 7.29
CA LEU A 127 7.53 19.97 7.12
C LEU A 127 6.83 20.00 8.49
N GLY A 128 5.58 20.48 8.50
CA GLY A 128 4.81 20.67 9.74
C GLY A 128 3.78 21.77 9.64
N ILE A 129 2.95 21.91 10.66
CA ILE A 129 1.91 22.95 10.68
C ILE A 129 2.51 24.35 10.56
N MET A 130 3.56 24.61 11.32
CA MET A 130 4.29 25.89 11.29
C MET A 130 4.77 26.26 9.88
N HIS A 131 5.23 25.25 9.14
CA HIS A 131 5.70 25.43 7.75
C HIS A 131 4.56 25.44 6.74
N PHE A 132 3.53 24.64 6.99
CA PHE A 132 2.27 24.65 6.23
C PHE A 132 1.67 26.05 6.16
N GLU A 133 1.60 26.69 7.33
CA GLU A 133 1.06 28.05 7.47
C GLU A 133 1.96 29.08 6.78
N ALA A 134 3.26 28.95 7.00
CA ALA A 134 4.25 29.86 6.38
C ALA A 134 4.22 29.82 4.85
N SER A 135 4.00 28.63 4.29
CA SER A 135 3.93 28.46 2.84
C SER A 135 2.70 29.11 2.19
N ILE A 136 1.58 29.18 2.93
CA ILE A 136 0.35 29.80 2.45
C ILE A 136 0.52 31.31 2.37
N PHE A 137 1.11 31.88 3.42
CA PHE A 137 1.49 33.30 3.46
C PHE A 137 2.36 33.67 2.27
N HIS A 138 3.48 32.98 2.14
CA HIS A 138 4.46 33.25 1.08
C HIS A 138 3.88 33.10 -0.33
N LEU A 139 2.95 32.18 -0.51
CA LEU A 139 2.22 32.07 -1.77
C LEU A 139 1.19 33.18 -1.94
N PHE A 140 0.59 33.65 -0.84
CA PHE A 140 -0.44 34.70 -0.91
C PHE A 140 0.14 36.06 -1.34
N VAL A 141 1.23 36.47 -0.71
CA VAL A 141 1.97 37.69 -1.14
C VAL A 141 2.81 37.43 -2.39
N HIS A 142 3.15 36.16 -2.62
CA HIS A 142 3.93 35.71 -3.78
C HIS A 142 5.37 36.26 -3.75
N ASP A 143 6.03 36.15 -2.60
CA ASP A 143 7.46 36.43 -2.48
C ASP A 143 8.23 35.31 -3.19
N GLU A 144 8.78 35.64 -4.35
CA GLU A 144 9.41 34.66 -5.25
C GLU A 144 10.64 33.94 -4.67
N ASN A 145 11.28 34.54 -3.68
CA ASN A 145 12.33 33.88 -2.89
C ASN A 145 11.84 32.57 -2.27
N TYR A 146 10.61 32.61 -1.75
CA TYR A 146 10.00 31.47 -1.04
C TYR A 146 9.01 30.61 -1.84
N VAL A 147 8.57 31.08 -3.02
CA VAL A 147 7.55 30.36 -3.81
C VAL A 147 7.91 28.88 -4.05
N PRO A 148 9.16 28.61 -4.48
CA PRO A 148 9.55 27.20 -4.72
C PRO A 148 9.50 26.31 -3.47
N THR A 149 10.09 26.79 -2.37
CA THR A 149 10.06 26.08 -1.09
C THR A 149 8.63 25.87 -0.59
N SER A 150 7.76 26.85 -0.80
CA SER A 150 6.36 26.76 -0.39
C SER A 150 5.59 25.67 -1.14
N PHE A 151 5.94 25.44 -2.41
CA PHE A 151 5.37 24.32 -3.17
C PHE A 151 5.93 22.96 -2.72
N LEU A 152 7.22 22.90 -2.41
CA LEU A 152 7.79 21.68 -1.84
C LEU A 152 6.98 21.24 -0.64
N VAL A 153 6.73 22.18 0.28
CA VAL A 153 5.99 21.91 1.51
C VAL A 153 4.55 21.48 1.23
N LEU A 154 3.81 22.30 0.48
CA LEU A 154 2.37 22.10 0.28
C LEU A 154 2.00 20.94 -0.63
N ILE A 155 2.80 20.69 -1.66
CA ILE A 155 2.57 19.53 -2.53
C ILE A 155 2.69 18.26 -1.67
N GLN A 156 3.74 18.21 -0.85
CA GLN A 156 4.00 17.05 0.00
C GLN A 156 2.91 16.82 1.06
N MET A 157 2.52 17.88 1.75
CA MET A 157 1.56 17.78 2.85
C MET A 157 0.11 17.57 2.41
N VAL A 158 -0.23 18.05 1.22
CA VAL A 158 -1.59 17.89 0.66
C VAL A 158 -1.65 16.72 -0.31
N LEU A 159 -0.91 16.82 -1.42
CA LEU A 159 -1.08 15.91 -2.56
C LEU A 159 -0.38 14.58 -2.40
N GLU A 160 0.85 14.59 -1.90
CA GLU A 160 1.60 13.35 -1.69
C GLU A 160 1.06 12.56 -0.49
N ALA A 161 0.52 13.27 0.50
CA ALA A 161 -0.24 12.64 1.59
C ALA A 161 -1.54 12.00 1.11
N ALA A 162 -2.23 12.65 0.17
CA ALA A 162 -3.43 12.05 -0.45
C ALA A 162 -3.07 10.79 -1.22
N LYS A 163 -1.95 10.82 -1.93
CA LYS A 163 -1.45 9.66 -2.67
C LYS A 163 -1.08 8.49 -1.75
N PHE A 164 -0.42 8.79 -0.63
CA PHE A 164 0.17 7.76 0.25
C PHE A 164 -0.19 7.92 1.72
N LYS A 165 -0.82 6.88 2.28
CA LYS A 165 -1.16 6.84 3.71
C LYS A 165 0.06 6.93 4.63
N PHE A 166 1.19 6.43 4.16
CA PHE A 166 2.44 6.55 4.91
C PHE A 166 2.80 8.02 5.11
N ILE A 167 2.63 8.82 4.06
CA ILE A 167 2.96 10.25 4.07
C ILE A 167 1.92 11.01 4.89
N GLU A 168 0.65 10.70 4.67
CA GLU A 168 -0.45 11.16 5.53
C GLU A 168 -0.12 10.95 7.01
N GLN A 169 0.34 9.75 7.35
CA GLN A 169 0.65 9.38 8.72
C GLN A 169 1.92 10.03 9.26
N LYS A 170 2.88 10.35 8.37
CA LYS A 170 4.04 11.18 8.75
C LYS A 170 3.63 12.56 9.24
N VAL A 171 2.64 13.16 8.54
CA VAL A 171 2.13 14.47 8.92
C VAL A 171 1.28 14.37 10.20
N ILE A 172 0.50 13.30 10.35
CA ILE A 172 -0.31 13.09 11.56
C ILE A 172 0.59 12.96 12.79
N HIS A 173 1.67 12.17 12.68
CA HIS A 173 2.64 12.06 13.78
C HIS A 173 3.17 13.44 14.18
N SER A 174 3.54 14.23 13.18
CA SER A 174 4.03 15.61 13.38
C SER A 174 3.03 16.52 14.12
N ILE A 175 1.75 16.42 13.76
CA ILE A 175 0.66 17.18 14.40
C ILE A 175 0.56 16.88 15.90
N MET A 176 0.60 15.60 16.27
CA MET A 176 0.41 15.17 17.66
C MET A 176 1.69 15.23 18.51
N ASP A 177 2.84 14.98 17.88
CA ASP A 177 4.14 15.13 18.54
C ASP A 177 4.56 16.59 18.72
N MET A 178 4.00 17.49 17.89
CA MET A 178 4.38 18.91 17.86
C MET A 178 5.89 19.03 17.57
N GLU A 179 6.26 18.59 16.37
CA GLU A 179 7.68 18.43 16.03
C GLU A 179 7.83 18.30 14.51
N ASP A 180 8.77 19.05 13.94
CA ASP A 180 9.00 19.04 12.48
C ASP A 180 9.82 17.83 12.04
N PHE A 181 9.70 17.51 10.75
CA PHE A 181 10.48 16.44 10.14
C PHE A 181 10.87 16.81 8.70
N THR A 182 12.06 16.39 8.29
CA THR A 182 12.46 16.44 6.88
C THR A 182 12.22 15.04 6.31
N PRO A 183 11.62 14.96 5.09
CA PRO A 183 11.33 13.66 4.46
C PRO A 183 12.55 12.73 4.35
N GLY A 184 12.35 11.46 4.74
CA GLY A 184 13.38 10.45 4.58
C GLY A 184 13.28 9.75 3.24
N LEU A 185 14.10 8.69 3.09
CA LEU A 185 14.15 7.89 1.88
C LEU A 185 12.83 7.18 1.61
N ALA A 186 12.19 6.72 2.69
CA ALA A 186 10.89 6.07 2.61
C ALA A 186 9.86 6.98 1.95
N MET A 187 9.77 8.21 2.44
CA MET A 187 8.84 9.20 1.91
C MET A 187 9.18 9.57 0.47
N LEU A 188 10.43 9.96 0.24
CA LEU A 188 10.90 10.39 -1.08
C LEU A 188 10.76 9.30 -2.16
N SER A 189 11.01 8.05 -1.78
CA SER A 189 10.87 6.91 -2.70
C SER A 189 9.43 6.67 -3.13
N LEU A 190 8.48 6.96 -2.25
CA LEU A 190 7.06 6.88 -2.61
C LEU A 190 6.68 8.00 -3.57
N GLU A 191 7.17 9.21 -3.31
CA GLU A 191 6.97 10.35 -4.23
C GLU A 191 7.61 10.09 -5.59
N GLU A 192 8.85 9.57 -5.57
CA GLU A 192 9.59 9.23 -6.80
C GLU A 192 8.84 8.21 -7.67
N ASN A 193 8.28 7.18 -7.04
CA ASN A 193 7.77 6.01 -7.75
C ASN A 193 6.27 5.92 -7.99
N TRP A 194 5.49 6.88 -7.48
CA TRP A 194 4.02 6.90 -7.69
C TRP A 194 3.60 6.67 -9.15
N THR A 195 4.30 7.34 -10.06
CA THR A 195 4.10 7.14 -11.50
C THR A 195 4.43 5.71 -11.97
N GLN A 196 5.54 5.15 -11.50
CA GLN A 196 6.04 3.85 -11.96
C GLN A 196 5.20 2.72 -11.36
N LEU A 197 4.94 2.83 -10.05
CA LEU A 197 4.04 1.91 -9.36
C LEU A 197 2.65 1.86 -9.99
N SER A 198 2.14 2.97 -10.50
CA SER A 198 0.86 2.98 -11.22
C SER A 198 0.91 2.13 -12.49
N LEU A 199 2.03 2.20 -13.21
CA LEU A 199 2.24 1.40 -14.44
C LEU A 199 2.36 -0.10 -14.15
N GLN A 200 3.23 -0.45 -13.20
CA GLN A 200 3.51 -1.86 -12.90
C GLN A 200 2.27 -2.55 -12.33
N LEU A 201 1.55 -1.83 -11.47
CA LEU A 201 0.36 -2.35 -10.82
C LEU A 201 -0.80 -2.59 -11.81
N GLN A 202 -0.85 -1.81 -12.90
CA GLN A 202 -1.86 -1.99 -13.96
C GLN A 202 -1.43 -3.00 -15.03
N ALA A 203 -0.13 -3.05 -15.30
CA ALA A 203 0.44 -4.11 -16.15
C ALA A 203 0.38 -5.48 -15.47
N SER A 204 0.49 -5.50 -14.14
CA SER A 204 0.40 -6.72 -13.32
C SER A 204 -0.81 -7.61 -13.56
N GLU A 205 -1.90 -7.03 -14.07
CA GLU A 205 -3.09 -7.79 -14.50
C GLU A 205 -2.69 -8.95 -15.43
N SER A 206 -1.76 -8.66 -16.33
CA SER A 206 -1.21 -9.63 -17.28
C SER A 206 -0.54 -10.86 -16.63
N LEU A 207 0.22 -10.64 -15.54
CA LEU A 207 1.03 -11.69 -14.90
C LEU A 207 0.56 -12.03 -13.47
N ASN A 208 -0.73 -12.25 -13.29
CA ASN A 208 -1.30 -12.61 -11.98
C ASN A 208 -0.77 -11.79 -10.78
N GLY A 209 -0.70 -10.47 -10.96
CA GLY A 209 -0.30 -9.55 -9.89
C GLY A 209 1.20 -9.34 -9.73
N VAL A 210 1.99 -9.76 -10.72
CA VAL A 210 3.46 -9.63 -10.66
C VAL A 210 3.92 -8.50 -11.59
N PHE A 211 4.89 -7.73 -11.11
CA PHE A 211 5.37 -6.53 -11.81
C PHE A 211 6.21 -6.89 -13.04
N GLY A 212 6.33 -5.93 -13.95
CA GLY A 212 7.30 -5.99 -15.04
C GLY A 212 8.71 -5.64 -14.57
N ASP A 213 8.81 -4.78 -13.56
CA ASP A 213 10.10 -4.40 -12.97
C ASP A 213 9.93 -3.99 -11.51
N SER A 214 10.93 -4.31 -10.69
CA SER A 214 10.89 -4.04 -9.26
C SER A 214 11.03 -2.55 -8.94
N VAL A 215 10.48 -2.16 -7.80
CA VAL A 215 10.46 -0.78 -7.33
C VAL A 215 10.97 -0.80 -5.88
N SER A 216 11.99 -0.01 -5.58
CA SER A 216 12.60 -0.03 -4.26
C SER A 216 11.97 1.02 -3.36
N LEU A 217 11.18 0.55 -2.39
CA LEU A 217 10.56 1.41 -1.40
C LEU A 217 11.30 1.28 -0.08
N TYR A 218 12.01 2.32 0.32
CA TYR A 218 12.78 2.29 1.57
C TYR A 218 11.88 2.28 2.80
N ASN A 219 12.34 1.65 3.88
CA ASN A 219 11.65 1.70 5.18
C ASN A 219 12.24 2.83 6.06
N SER A 220 11.75 2.94 7.31
CA SER A 220 12.23 3.96 8.24
C SER A 220 13.66 3.72 8.75
N MET A 221 14.15 2.48 8.64
CA MET A 221 15.56 2.15 8.92
C MET A 221 16.51 2.32 7.72
N ASP A 222 16.01 2.88 6.62
CA ASP A 222 16.78 3.10 5.37
C ASP A 222 17.24 1.79 4.69
N GLU A 223 16.45 0.73 4.84
CA GLU A 223 16.66 -0.54 4.13
C GLU A 223 15.69 -0.54 2.95
N PRO A 224 16.19 -0.79 1.72
CA PRO A 224 15.27 -0.88 0.60
C PRO A 224 14.46 -2.15 0.65
N ILE A 225 13.24 -2.08 0.14
CA ILE A 225 12.37 -3.25 0.01
C ILE A 225 11.93 -3.30 -1.43
N GLY A 226 12.27 -4.39 -2.10
CA GLY A 226 11.87 -4.59 -3.48
C GLY A 226 10.38 -4.89 -3.48
N VAL A 227 9.63 -4.12 -4.27
CA VAL A 227 8.23 -4.42 -4.52
C VAL A 227 8.15 -4.75 -5.99
N ASP A 228 7.92 -6.02 -6.29
CA ASP A 228 7.79 -6.51 -7.65
C ASP A 228 6.46 -7.25 -7.85
N SER A 229 5.48 -6.92 -7.00
CA SER A 229 4.14 -7.49 -7.08
C SER A 229 3.15 -6.69 -6.23
N MET A 230 1.87 -6.98 -6.44
CA MET A 230 0.79 -6.38 -5.66
C MET A 230 0.62 -6.96 -4.24
N TYR A 231 1.49 -7.90 -3.84
CA TYR A 231 1.30 -8.67 -2.60
C TYR A 231 2.18 -8.15 -1.47
N TYR A 232 2.38 -6.84 -1.44
CA TYR A 232 3.14 -6.18 -0.39
C TYR A 232 2.19 -5.25 0.35
N PRO A 233 2.02 -5.44 1.69
CA PRO A 233 1.19 -4.51 2.48
C PRO A 233 1.65 -3.05 2.46
N ILE A 234 2.96 -2.82 2.30
CA ILE A 234 3.49 -1.45 2.20
C ILE A 234 3.13 -0.71 0.90
N LEU A 235 2.68 -1.43 -0.12
CA LEU A 235 2.07 -0.83 -1.31
C LEU A 235 0.55 -0.78 -1.19
N THR A 236 -0.05 -1.95 -0.94
CA THR A 236 -1.52 -2.13 -0.94
C THR A 236 -2.26 -1.31 0.14
N ALA A 237 -1.70 -1.24 1.35
CA ALA A 237 -2.28 -0.45 2.45
C ALA A 237 -1.56 0.88 2.63
N ASN A 238 -1.28 1.53 1.51
CA ASN A 238 -0.49 2.76 1.49
C ASN A 238 -0.91 3.64 0.30
N MET A 239 -0.70 3.15 -0.92
CA MET A 239 -1.07 3.91 -2.11
C MET A 239 -2.59 3.97 -2.24
N ALA A 240 -3.12 5.18 -2.11
CA ALA A 240 -4.56 5.43 -2.08
C ALA A 240 -5.19 5.43 -3.47
N PHE A 241 -4.52 6.07 -4.43
CA PHE A 241 -4.97 6.10 -5.82
C PHE A 241 -3.77 6.14 -6.77
N GLN A 242 -4.02 5.89 -8.05
CA GLN A 242 -2.96 5.77 -9.05
C GLN A 242 -3.29 6.44 -10.40
N LEU A 243 -2.23 6.80 -11.12
CA LEU A 243 -2.33 7.44 -12.43
C LEU A 243 -2.74 6.42 -13.47
N TYR A 244 -3.63 6.81 -14.39
CA TYR A 244 -4.00 5.94 -15.52
C TYR A 244 -2.78 5.66 -16.39
N GLN A 245 -2.65 4.42 -16.85
CA GLN A 245 -1.49 3.97 -17.61
C GLN A 245 -1.88 3.03 -18.75
N CYS A 246 -2.49 1.89 -18.40
CA CYS A 246 -2.77 0.80 -19.36
C CYS A 246 -4.27 0.56 -19.54
N PRO A 247 -4.72 0.34 -20.79
CA PRO A 247 -6.12 -0.03 -21.02
C PRO A 247 -6.38 -1.52 -20.72
N ASN B 1 2.14 0.97 -27.12
CA ASN B 1 3.01 0.71 -25.93
C ASN B 1 3.07 -0.78 -25.63
N GLU B 2 4.29 -1.30 -25.47
CA GLU B 2 4.52 -2.72 -25.16
C GLU B 2 5.17 -2.90 -23.77
N GLN B 3 5.13 -1.85 -22.94
CA GLN B 3 5.50 -1.94 -21.53
C GLN B 3 4.29 -2.26 -20.63
N CYS B 4 3.07 -2.07 -21.15
CA CYS B 4 1.86 -2.51 -20.46
C CYS B 4 1.61 -4.02 -20.51
N SER B 5 2.24 -4.72 -21.47
CA SER B 5 2.10 -6.16 -21.63
C SER B 5 3.46 -6.87 -21.47
N PRO B 6 4.01 -6.91 -20.24
CA PRO B 6 5.32 -7.53 -20.01
C PRO B 6 5.30 -9.05 -20.21
N GLN B 7 6.23 -9.56 -21.01
CA GLN B 7 6.18 -10.95 -21.49
C GLN B 7 6.52 -12.02 -20.45
N GLN B 8 7.29 -11.66 -19.42
CA GLN B 8 7.60 -12.57 -18.31
C GLN B 8 8.18 -11.83 -17.11
N ARG B 9 8.35 -12.55 -16.00
CA ARG B 9 9.07 -12.02 -14.84
C ARG B 9 9.48 -13.15 -13.91
N THR B 10 10.75 -13.13 -13.48
CA THR B 10 11.27 -14.15 -12.58
C THR B 10 11.35 -13.62 -11.15
N THR B 11 10.75 -14.37 -10.22
CA THR B 11 10.79 -14.02 -8.80
C THR B 11 10.55 -15.23 -7.89
N ARG B 12 10.77 -15.03 -6.58
CA ARG B 12 10.56 -16.08 -5.58
C ARG B 12 9.13 -16.06 -5.02
N ILE B 13 8.79 -17.10 -4.27
CA ILE B 13 7.50 -17.24 -3.58
C ILE B 13 7.77 -17.65 -2.13
N SER B 14 7.28 -16.85 -1.18
CA SER B 14 7.41 -17.13 0.27
C SER B 14 6.03 -17.34 0.91
N GLY B 15 6.01 -18.08 2.03
CA GLY B 15 4.75 -18.44 2.70
C GLY B 15 4.96 -18.83 4.15
N ARG B 16 4.37 -19.97 4.55
CA ARG B 16 4.32 -20.38 5.95
C ARG B 16 5.66 -20.23 6.68
N ASP B 17 5.63 -19.52 7.81
CA ASP B 17 6.83 -19.18 8.60
C ASP B 17 7.94 -18.45 7.83
N GLY B 18 7.59 -17.87 6.67
CA GLY B 18 8.57 -17.21 5.80
C GLY B 18 9.51 -18.11 5.01
N LEU B 19 9.14 -19.38 4.83
CA LEU B 19 9.93 -20.33 4.03
C LEU B 19 9.45 -20.31 2.58
N CYS B 20 10.37 -20.62 1.66
CA CYS B 20 10.15 -20.47 0.21
C CYS B 20 9.71 -21.75 -0.50
N VAL B 21 9.00 -21.55 -1.61
CA VAL B 21 8.59 -22.63 -2.49
C VAL B 21 9.82 -23.08 -3.27
N ASP B 22 10.11 -24.37 -3.18
CA ASP B 22 11.41 -24.96 -3.54
C ASP B 22 11.15 -26.34 -4.15
N VAL B 23 11.66 -26.60 -5.35
CA VAL B 23 11.58 -27.97 -5.92
C VAL B 23 12.73 -28.81 -5.35
N TYR B 24 12.37 -29.95 -4.77
CA TYR B 24 13.26 -30.76 -3.93
C TYR B 24 14.54 -31.19 -4.62
N GLY B 25 15.68 -30.67 -4.14
CA GLY B 25 17.00 -30.99 -4.66
C GLY B 25 17.22 -30.67 -6.13
N ALA B 26 16.51 -29.65 -6.63
CA ALA B 26 16.60 -29.20 -8.02
C ALA B 26 16.30 -30.27 -9.09
N LEU B 27 15.47 -31.26 -8.75
CA LEU B 27 15.24 -32.40 -9.65
C LEU B 27 14.46 -32.01 -10.93
N THR B 28 14.98 -32.47 -12.07
CA THR B 28 14.45 -32.12 -13.39
C THR B 28 13.14 -32.81 -13.75
N ALA B 29 13.05 -34.10 -13.43
CA ALA B 29 12.03 -34.99 -13.99
C ALA B 29 10.58 -34.58 -13.70
N ASP B 30 9.67 -35.02 -14.57
CA ASP B 30 8.25 -34.72 -14.43
C ASP B 30 7.70 -35.31 -13.15
N GLY B 31 6.85 -34.54 -12.47
CA GLY B 31 6.30 -34.92 -11.18
C GLY B 31 7.23 -34.69 -9.98
N SER B 32 8.41 -34.10 -10.19
CA SER B 32 9.33 -33.80 -9.10
C SER B 32 8.66 -32.83 -8.12
N ARG B 33 8.49 -33.27 -6.88
CA ARG B 33 7.68 -32.53 -5.89
C ARG B 33 8.29 -31.20 -5.49
N VAL B 34 7.44 -30.37 -4.86
CA VAL B 34 7.80 -29.04 -4.39
C VAL B 34 7.55 -28.97 -2.88
N ILE B 35 8.45 -28.27 -2.17
CA ILE B 35 8.49 -28.25 -0.70
C ILE B 35 8.65 -26.84 -0.12
N LEU B 36 8.52 -26.73 1.19
CA LEU B 36 9.03 -25.56 1.93
C LEU B 36 10.53 -25.72 2.10
N TYR B 37 11.26 -24.62 1.93
CA TYR B 37 12.70 -24.61 2.18
C TYR B 37 13.14 -23.21 2.59
N PRO B 38 14.18 -23.11 3.46
CA PRO B 38 14.69 -21.77 3.78
C PRO B 38 15.14 -21.02 2.54
N CYS B 39 14.81 -19.74 2.48
CA CYS B 39 14.94 -18.96 1.26
C CYS B 39 16.40 -18.66 0.89
N GLY B 40 16.69 -18.73 -0.40
CA GLY B 40 18.04 -18.44 -0.93
C GLY B 40 17.99 -18.07 -2.40
N GLN B 41 19.16 -17.89 -3.01
CA GLN B 41 19.28 -17.39 -4.39
C GLN B 41 19.38 -18.51 -5.47
N GLN B 42 19.10 -19.75 -5.09
CA GLN B 42 19.27 -20.90 -5.99
C GLN B 42 18.22 -20.95 -7.09
N GLN B 43 18.59 -21.56 -8.21
CA GLN B 43 17.78 -21.54 -9.44
C GLN B 43 16.43 -22.24 -9.31
N ASN B 44 16.37 -23.24 -8.43
CA ASN B 44 15.16 -24.02 -8.20
C ASN B 44 14.12 -23.38 -7.24
N GLN B 45 14.44 -22.20 -6.68
CA GLN B 45 13.47 -21.33 -5.97
C GLN B 45 13.03 -20.13 -6.85
N GLN B 46 13.51 -20.05 -8.08
CA GLN B 46 13.14 -18.97 -9.01
C GLN B 46 11.92 -19.37 -9.82
N TRP B 47 10.87 -18.56 -9.71
CA TRP B 47 9.59 -18.81 -10.36
C TRP B 47 9.29 -17.72 -11.39
N THR B 48 9.27 -18.10 -12.66
CA THR B 48 9.08 -17.17 -13.75
C THR B 48 7.64 -17.24 -14.21
N PHE B 49 6.97 -16.09 -14.16
CA PHE B 49 5.54 -15.97 -14.44
C PHE B 49 5.36 -15.52 -15.87
N TYR B 50 4.31 -16.02 -16.52
CA TYR B 50 4.03 -15.75 -17.92
C TYR B 50 2.55 -15.44 -18.15
N PRO B 51 2.21 -14.78 -19.27
CA PRO B 51 0.81 -14.64 -19.70
C PRO B 51 0.10 -15.96 -20.02
N ASP B 52 0.88 -17.04 -20.20
CA ASP B 52 0.35 -18.40 -20.30
C ASP B 52 -0.37 -18.91 -19.02
N ASN B 53 -0.43 -18.09 -17.97
CA ASN B 53 -0.91 -18.47 -16.63
C ASN B 53 -0.07 -19.56 -15.95
N THR B 54 1.19 -19.69 -16.38
CA THR B 54 2.12 -20.69 -15.87
C THR B 54 3.12 -20.07 -14.92
N ILE B 55 3.67 -20.91 -14.05
CA ILE B 55 4.65 -20.49 -13.04
C ILE B 55 5.81 -21.48 -13.13
N ARG B 56 6.93 -21.03 -13.68
CA ARG B 56 7.99 -21.94 -14.14
C ARG B 56 9.29 -21.85 -13.33
N SER B 57 9.78 -23.01 -12.89
CA SER B 57 11.14 -23.17 -12.36
C SER B 57 11.83 -24.32 -13.09
N LEU B 58 13.09 -24.11 -13.46
CA LEU B 58 13.89 -25.08 -14.21
C LEU B 58 13.24 -25.43 -15.56
N GLY B 59 12.72 -24.41 -16.24
CA GLY B 59 12.06 -24.57 -17.53
C GLY B 59 10.82 -25.43 -17.56
N LYS B 60 10.22 -25.66 -16.39
CA LYS B 60 9.09 -26.58 -16.25
C LYS B 60 8.03 -25.99 -15.33
N CYS B 61 6.78 -26.33 -15.61
CA CYS B 61 5.60 -25.64 -15.06
C CYS B 61 5.09 -26.26 -13.74
N LEU B 62 4.86 -25.41 -12.74
CA LEU B 62 4.24 -25.79 -11.47
C LEU B 62 2.83 -26.32 -11.70
N ALA B 63 2.45 -27.44 -11.06
CA ALA B 63 1.12 -28.04 -11.26
C ALA B 63 0.70 -29.00 -10.15
N THR B 64 -0.61 -29.13 -9.98
CA THR B 64 -1.20 -30.11 -9.05
C THR B 64 -1.13 -31.49 -9.68
N SER B 65 -0.95 -32.50 -8.83
CA SER B 65 -0.81 -33.89 -9.29
C SER B 65 -2.10 -34.72 -9.25
N ALA B 66 -3.21 -34.16 -8.78
CA ALA B 66 -4.50 -34.89 -8.71
C ALA B 66 -5.71 -33.97 -8.62
N LEU B 67 -6.86 -34.46 -9.10
CA LEU B 67 -8.14 -33.76 -8.94
C LEU B 67 -8.66 -33.76 -7.50
N SER B 68 -8.21 -34.73 -6.70
CA SER B 68 -8.58 -34.83 -5.29
C SER B 68 -7.66 -34.00 -4.39
N SER B 69 -8.13 -33.72 -3.18
CA SER B 69 -7.34 -33.01 -2.17
C SER B 69 -6.31 -33.93 -1.56
N GLY B 70 -5.15 -33.39 -1.17
CA GLY B 70 -4.12 -34.15 -0.45
C GLY B 70 -2.91 -34.63 -1.25
N SER B 71 -2.98 -34.53 -2.58
CA SER B 71 -1.86 -34.92 -3.45
C SER B 71 -0.85 -33.78 -3.60
N ASN B 72 0.40 -34.14 -3.92
CA ASN B 72 1.49 -33.18 -4.02
C ASN B 72 1.33 -32.20 -5.17
N VAL B 73 1.94 -31.03 -5.00
CA VAL B 73 2.13 -30.08 -6.09
C VAL B 73 3.53 -30.36 -6.62
N VAL B 74 3.65 -30.36 -7.95
CA VAL B 74 4.84 -30.84 -8.64
C VAL B 74 5.27 -29.86 -9.74
N ILE B 75 6.39 -30.16 -10.39
CA ILE B 75 6.78 -29.53 -11.66
C ILE B 75 6.79 -30.58 -12.76
N THR B 76 6.40 -30.18 -13.97
CA THR B 76 6.23 -31.10 -15.08
C THR B 76 6.37 -30.39 -16.43
N ASN B 77 6.16 -31.12 -17.53
CA ASN B 77 6.30 -30.59 -18.87
C ASN B 77 5.18 -29.60 -19.18
N CYS B 78 5.57 -28.43 -19.66
CA CYS B 78 4.63 -27.37 -20.02
C CYS B 78 3.85 -27.69 -21.30
N ASP B 79 4.37 -28.58 -22.13
CA ASP B 79 3.63 -29.14 -23.27
C ASP B 79 2.37 -29.91 -22.85
N TYR B 80 2.40 -30.55 -21.68
CA TYR B 80 1.23 -31.28 -21.17
C TYR B 80 0.05 -30.40 -20.68
N LEU B 81 0.26 -29.08 -20.55
CA LEU B 81 -0.81 -28.13 -20.18
C LEU B 81 -1.30 -27.35 -21.41
N ARG B 82 -1.31 -28.00 -22.58
CA ARG B 82 -1.49 -27.31 -23.87
C ARG B 82 -2.80 -26.53 -23.96
N TYR B 83 -3.88 -27.11 -23.42
CA TYR B 83 -5.18 -26.44 -23.34
C TYR B 83 -5.68 -26.42 -21.89
N ASP B 84 -4.80 -25.96 -21.00
CA ASP B 84 -5.12 -25.80 -19.58
C ASP B 84 -5.10 -24.31 -19.22
N ASP B 85 -6.00 -23.90 -18.33
CA ASP B 85 -6.15 -22.50 -17.93
C ASP B 85 -5.20 -22.08 -16.79
N GLY B 86 -4.63 -23.06 -16.09
CA GLY B 86 -3.48 -22.84 -15.23
C GLY B 86 -3.81 -22.29 -13.85
N TRP B 87 -2.92 -21.44 -13.32
CA TRP B 87 -3.06 -20.87 -11.98
C TRP B 87 -3.73 -19.50 -11.99
N MET B 88 -4.45 -19.21 -10.90
CA MET B 88 -4.98 -17.87 -10.63
C MET B 88 -4.62 -17.51 -9.19
N VAL B 89 -4.16 -16.27 -8.99
CA VAL B 89 -3.73 -15.79 -7.67
C VAL B 89 -4.65 -14.65 -7.21
N SER B 90 -5.31 -14.84 -6.07
CA SER B 90 -6.20 -13.83 -5.51
C SER B 90 -5.42 -12.66 -4.92
N SER B 91 -6.12 -11.58 -4.61
CA SER B 91 -5.51 -10.41 -3.95
C SER B 91 -4.80 -10.77 -2.65
N SER B 92 -5.41 -11.68 -1.90
CA SER B 92 -4.87 -12.14 -0.61
C SER B 92 -3.70 -13.13 -0.69
N GLY B 93 -3.32 -13.56 -1.89
CA GLY B 93 -2.18 -14.48 -2.08
C GLY B 93 -2.56 -15.96 -1.98
N THR B 94 -3.76 -16.29 -2.45
CA THR B 94 -4.23 -17.67 -2.54
C THR B 94 -4.00 -18.12 -3.96
N MET B 95 -3.07 -19.06 -4.14
CA MET B 95 -2.71 -19.57 -5.46
C MET B 95 -3.58 -20.79 -5.79
N MET B 96 -4.43 -20.65 -6.80
CA MET B 96 -5.50 -21.62 -7.07
C MET B 96 -5.45 -22.16 -8.49
N ASN B 97 -5.57 -23.48 -8.62
CA ASN B 97 -5.79 -24.14 -9.91
C ASN B 97 -7.19 -23.76 -10.40
N LYS B 98 -7.27 -23.20 -11.60
CA LYS B 98 -8.54 -22.67 -12.11
C LYS B 98 -9.60 -23.74 -12.39
N SER B 99 -9.16 -24.95 -12.73
CA SER B 99 -10.08 -26.04 -13.07
C SER B 99 -10.58 -26.77 -11.81
N SER B 100 -9.66 -27.35 -11.05
CA SER B 100 -10.00 -28.12 -9.83
C SER B 100 -10.42 -27.26 -8.63
N HIS B 101 -10.00 -25.99 -8.63
CA HIS B 101 -10.15 -25.06 -7.48
C HIS B 101 -9.27 -25.41 -6.26
N LEU B 102 -8.32 -26.34 -6.41
CA LEU B 102 -7.39 -26.69 -5.32
C LEU B 102 -6.39 -25.57 -5.14
N VAL B 103 -5.91 -25.42 -3.91
CA VAL B 103 -5.09 -24.29 -3.52
C VAL B 103 -3.78 -24.76 -2.91
N LEU B 104 -2.71 -24.02 -3.21
CA LEU B 104 -1.39 -24.35 -2.69
C LEU B 104 -1.39 -24.24 -1.17
N THR B 105 -1.01 -25.35 -0.52
CA THR B 105 -1.10 -25.51 0.92
C THR B 105 0.19 -26.12 1.48
N ALA B 106 0.60 -25.67 2.66
CA ALA B 106 1.72 -26.27 3.41
C ALA B 106 1.18 -26.85 4.72
N ASN B 107 0.90 -28.14 4.71
CA ASN B 107 0.27 -28.81 5.87
C ASN B 107 1.14 -28.86 7.14
N ALA B 108 2.42 -28.52 7.02
CA ALA B 108 3.28 -28.24 8.18
C ALA B 108 4.17 -27.03 7.91
N ALA B 109 4.90 -26.60 8.94
CA ALA B 109 5.71 -25.38 8.89
C ALA B 109 7.24 -25.61 8.76
N THR B 110 7.67 -26.86 8.78
CA THR B 110 9.11 -27.21 8.81
C THR B 110 9.72 -27.37 7.42
N SER B 111 11.06 -27.38 7.37
CA SER B 111 11.80 -27.59 6.11
C SER B 111 11.51 -28.96 5.49
N ARG B 112 11.63 -29.04 4.16
CA ARG B 112 11.28 -30.24 3.38
C ARG B 112 9.81 -30.69 3.47
N THR B 113 8.90 -29.83 3.93
CA THR B 113 7.49 -30.18 4.00
C THR B 113 6.91 -30.23 2.59
N ASN B 114 6.25 -31.32 2.23
CA ASN B 114 5.62 -31.43 0.91
C ASN B 114 4.50 -30.41 0.79
N LEU B 115 4.44 -29.73 -0.35
CA LEU B 115 3.33 -28.83 -0.64
C LEU B 115 2.30 -29.59 -1.47
N THR B 116 1.03 -29.38 -1.15
CA THR B 116 -0.07 -30.15 -1.72
C THR B 116 -1.19 -29.25 -2.23
N GLY B 117 -2.02 -29.82 -3.10
CA GLY B 117 -3.27 -29.20 -3.53
C GLY B 117 -4.39 -29.65 -2.60
N GLU B 118 -4.96 -28.68 -1.87
CA GLU B 118 -6.03 -28.95 -0.90
C GLU B 118 -7.18 -27.98 -1.16
N ASN B 119 -8.30 -28.20 -0.47
CA ASN B 119 -9.47 -27.33 -0.59
C ASN B 119 -9.25 -26.04 0.18
N ASN B 120 -9.66 -24.91 -0.39
CA ASN B 120 -9.44 -23.60 0.25
C ASN B 120 -10.39 -23.34 1.42
N VAL B 121 -9.79 -23.18 2.59
CA VAL B 121 -10.51 -22.74 3.80
C VAL B 121 -9.99 -21.38 4.28
N PHE B 122 -9.20 -20.70 3.44
CA PHE B 122 -8.59 -19.41 3.74
C PHE B 122 -7.73 -19.46 5.02
N ALA B 123 -6.88 -20.47 5.11
CA ALA B 123 -5.96 -20.61 6.25
C ALA B 123 -4.71 -19.77 6.00
N ALA B 124 -3.92 -19.55 7.05
CA ALA B 124 -2.62 -18.89 6.93
C ALA B 124 -1.64 -19.76 6.12
N LYS B 125 -1.68 -21.08 6.35
CA LYS B 125 -0.89 -22.04 5.58
C LYS B 125 -1.23 -22.12 4.08
N GLN B 126 -2.33 -21.52 3.65
CA GLN B 126 -2.69 -21.42 2.23
C GLN B 126 -2.46 -20.02 1.65
N ALA B 127 -1.74 -19.15 2.37
CA ALA B 127 -1.43 -17.77 1.95
C ALA B 127 0.03 -17.67 1.53
N TRP B 128 0.30 -16.90 0.47
CA TRP B 128 1.65 -16.84 -0.12
C TRP B 128 2.00 -15.45 -0.68
N ARG B 129 3.23 -15.01 -0.42
CA ARG B 129 3.76 -13.78 -1.00
C ARG B 129 4.65 -14.08 -2.21
N ILE B 130 4.11 -13.82 -3.40
CA ILE B 130 4.90 -13.84 -4.63
C ILE B 130 5.75 -12.58 -4.64
N GLY B 131 7.08 -12.73 -4.71
CA GLY B 131 8.00 -11.59 -4.71
C GLY B 131 9.35 -11.90 -4.09
N ASN B 132 10.40 -11.30 -4.64
CA ASN B 132 11.78 -11.53 -4.20
C ASN B 132 12.07 -11.15 -2.75
N TYR B 133 11.43 -10.10 -2.26
CA TYR B 133 11.58 -9.70 -0.86
C TYR B 133 10.73 -10.64 -0.01
N VAL B 134 11.41 -11.59 0.61
CA VAL B 134 10.78 -12.65 1.39
C VAL B 134 10.76 -12.35 2.89
N GLU B 135 11.44 -11.28 3.30
CA GLU B 135 11.62 -10.95 4.72
C GLU B 135 10.29 -10.52 5.36
N PRO B 136 10.18 -10.69 6.69
CA PRO B 136 9.08 -10.02 7.39
C PRO B 136 9.25 -8.50 7.37
N ILE B 137 8.16 -7.78 7.09
CA ILE B 137 8.13 -6.32 7.14
C ILE B 137 7.84 -5.90 8.58
N VAL B 138 8.83 -5.31 9.25
CA VAL B 138 8.64 -4.77 10.60
C VAL B 138 7.90 -3.44 10.51
N THR B 139 6.81 -3.31 11.26
CA THR B 139 5.92 -2.15 11.14
C THR B 139 5.14 -1.88 12.42
N THR B 140 4.64 -0.65 12.55
CA THR B 140 3.57 -0.31 13.50
C THR B 140 2.23 -0.33 12.76
N ILE B 141 1.16 -0.61 13.50
CA ILE B 141 -0.19 -0.67 12.95
C ILE B 141 -1.05 0.33 13.70
N ILE B 142 -1.37 1.44 13.04
CA ILE B 142 -2.15 2.53 13.64
C ILE B 142 -3.63 2.33 13.33
N GLY B 143 -4.48 2.62 14.31
CA GLY B 143 -5.93 2.53 14.16
C GLY B 143 -6.66 3.71 14.78
N LEU B 144 -7.86 3.44 15.30
CA LEU B 144 -8.76 4.46 15.82
C LEU B 144 -8.11 5.39 16.86
N ARG B 145 -8.41 6.69 16.73
CA ARG B 145 -7.84 7.75 17.56
C ARG B 145 -6.30 7.84 17.48
N HIS B 146 -5.77 7.52 16.29
CA HIS B 146 -4.33 7.61 15.97
C HIS B 146 -3.43 6.79 16.90
N MET B 147 -3.95 5.68 17.43
CA MET B 147 -3.24 4.87 18.41
C MET B 147 -2.62 3.65 17.73
N CYS B 148 -1.54 3.15 18.33
CA CYS B 148 -0.83 1.96 17.82
C CYS B 148 -1.35 0.71 18.52
N LEU B 149 -1.47 -0.39 17.79
CA LEU B 149 -1.68 -1.71 18.41
C LEU B 149 -0.45 -2.09 19.25
N GLU B 150 -0.69 -2.78 20.35
CA GLU B 150 0.38 -3.19 21.27
C GLU B 150 0.09 -4.58 21.80
N ALA B 151 1.13 -5.42 21.88
CA ALA B 151 1.03 -6.75 22.49
C ALA B 151 1.14 -6.58 24.00
N THR B 152 0.24 -7.23 24.73
CA THR B 152 0.03 -6.98 26.16
C THR B 152 -0.24 -8.27 26.91
N ASP B 153 -0.02 -8.22 28.23
CA ASP B 153 -0.23 -9.37 29.12
C ASP B 153 0.64 -10.58 28.72
N ASN B 154 1.97 -10.36 28.67
CA ASN B 154 2.94 -11.39 28.25
C ASN B 154 2.65 -11.99 26.88
N ASP B 155 2.44 -11.11 25.89
CA ASP B 155 2.13 -11.49 24.51
C ASP B 155 0.93 -12.46 24.39
N THR B 156 -0.10 -12.25 25.22
CA THR B 156 -1.35 -13.01 25.15
C THR B 156 -2.50 -12.17 24.59
N ASN B 157 -2.50 -10.86 24.85
CA ASN B 157 -3.58 -9.96 24.42
C ASN B 157 -3.08 -8.81 23.58
N VAL B 158 -4.03 -8.07 23.00
CA VAL B 158 -3.73 -6.96 22.10
C VAL B 158 -4.83 -5.88 22.13
N TRP B 159 -4.40 -4.63 22.26
CA TRP B 159 -5.31 -3.48 22.24
C TRP B 159 -4.55 -2.20 21.84
N LEU B 160 -5.25 -1.07 21.82
CA LEU B 160 -4.64 0.19 21.41
C LEU B 160 -4.01 0.96 22.56
N GLU B 161 -2.80 1.46 22.33
CA GLU B 161 -2.10 2.40 23.21
C GLU B 161 -1.53 3.53 22.37
N SER B 162 -1.21 4.65 23.02
CA SER B 162 -0.66 5.82 22.33
C SER B 162 0.74 5.51 21.79
N CYS B 163 1.01 5.95 20.56
CA CYS B 163 2.21 5.57 19.83
C CYS B 163 3.48 6.18 20.42
N VAL B 164 4.26 5.36 21.11
CA VAL B 164 5.59 5.73 21.60
C VAL B 164 6.60 5.10 20.62
N LYS B 165 7.51 5.92 20.11
CA LYS B 165 8.39 5.54 19.00
C LYS B 165 9.27 4.34 19.34
N ASN B 166 10.03 4.44 20.43
CA ASN B 166 10.95 3.36 20.83
C ASN B 166 10.29 2.03 21.22
N LYS B 167 9.07 2.11 21.75
CA LYS B 167 8.34 0.99 22.38
C LYS B 167 8.33 -0.30 21.55
N THR B 168 8.89 -1.37 22.14
CA THR B 168 9.15 -2.64 21.46
C THR B 168 7.86 -3.35 21.03
N LYS B 169 6.93 -3.46 21.97
CA LYS B 169 5.71 -4.26 21.78
C LYS B 169 4.67 -3.63 20.84
N GLN B 170 4.89 -2.38 20.43
CA GLN B 170 4.07 -1.77 19.37
C GLN B 170 4.51 -2.14 17.94
N TYR B 171 5.62 -2.86 17.79
CA TYR B 171 6.11 -3.28 16.47
C TYR B 171 5.70 -4.70 16.11
N TRP B 172 5.26 -4.88 14.87
CA TRP B 172 4.74 -6.14 14.37
C TRP B 172 5.45 -6.54 13.08
N ALA B 173 5.79 -7.83 12.97
CA ALA B 173 6.46 -8.36 11.79
C ALA B 173 5.44 -9.04 10.89
N LEU B 174 5.27 -8.53 9.68
CA LEU B 174 4.26 -9.06 8.75
C LEU B 174 4.88 -10.13 7.87
N TYR B 175 4.42 -11.38 8.02
CA TYR B 175 4.98 -12.52 7.29
C TYR B 175 4.29 -12.77 5.95
N SER B 176 4.95 -13.61 5.14
CA SER B 176 4.47 -13.97 3.80
C SER B 176 3.26 -14.92 3.79
N ASP B 177 2.92 -15.49 4.95
CA ASP B 177 1.69 -16.30 5.11
C ASP B 177 0.48 -15.48 5.65
N ASP B 178 0.45 -14.18 5.34
CA ASP B 178 -0.59 -13.25 5.83
C ASP B 178 -0.70 -13.12 7.36
N THR B 179 0.32 -13.53 8.10
CA THR B 179 0.24 -13.50 9.58
C THR B 179 0.84 -12.22 10.12
N ILE B 180 0.28 -11.74 11.23
CA ILE B 180 0.76 -10.57 11.94
C ILE B 180 1.36 -11.07 13.24
N ARG B 181 2.69 -10.99 13.35
CA ARG B 181 3.44 -11.60 14.45
C ARG B 181 4.09 -10.55 15.34
N VAL B 182 4.39 -10.95 16.57
CA VAL B 182 5.09 -10.08 17.53
C VAL B 182 6.56 -10.01 17.09
N ASN B 183 7.09 -8.80 16.96
CA ASN B 183 8.44 -8.60 16.42
C ASN B 183 9.53 -9.17 17.33
N ASN B 184 9.35 -9.00 18.64
CA ASN B 184 10.30 -9.51 19.63
C ASN B 184 10.20 -11.03 19.87
N ASN B 185 9.09 -11.65 19.46
CA ASN B 185 8.88 -13.09 19.62
C ASN B 185 8.02 -13.62 18.47
N ARG B 186 8.68 -14.03 17.40
CA ARG B 186 8.01 -14.32 16.13
C ARG B 186 7.40 -15.73 16.04
N ASN B 187 7.45 -16.49 17.14
CA ASN B 187 6.62 -17.69 17.31
C ASN B 187 5.14 -17.38 17.53
N LEU B 188 4.83 -16.15 17.95
CA LEU B 188 3.47 -15.74 18.31
C LEU B 188 2.80 -14.94 17.19
N CYS B 189 1.48 -15.09 17.10
CA CYS B 189 0.67 -14.52 16.02
C CYS B 189 -0.59 -13.85 16.58
N VAL B 190 -1.07 -12.83 15.87
CA VAL B 190 -2.37 -12.22 16.16
C VAL B 190 -3.45 -13.19 15.67
N SER B 191 -4.41 -13.50 16.54
CA SER B 191 -5.40 -14.55 16.29
C SER B 191 -6.80 -14.15 16.73
N SER B 192 -7.79 -14.49 15.90
CA SER B 192 -9.20 -14.34 16.27
C SER B 192 -9.56 -15.37 17.34
N SER B 193 -10.76 -15.26 17.89
CA SER B 193 -11.17 -16.10 19.02
C SER B 193 -11.28 -17.57 18.66
N THR B 194 -10.72 -18.42 19.52
CA THR B 194 -10.92 -19.88 19.47
C THR B 194 -12.20 -20.26 20.21
N ASP B 195 -12.58 -19.46 21.21
CA ASP B 195 -13.83 -19.61 21.95
C ASP B 195 -15.03 -19.01 21.19
N SER B 196 -16.09 -19.79 21.03
CA SER B 196 -17.27 -19.36 20.27
C SER B 196 -18.05 -18.22 20.94
N SER B 197 -18.01 -18.20 22.27
CA SER B 197 -18.69 -17.17 23.06
C SER B 197 -18.06 -15.77 22.96
N SER B 198 -16.77 -15.71 22.61
CA SER B 198 -16.05 -14.44 22.47
C SER B 198 -15.77 -14.12 21.02
N LYS B 199 -15.76 -12.83 20.70
CA LYS B 199 -15.30 -12.32 19.40
C LYS B 199 -13.97 -11.59 19.57
N LEU B 200 -13.31 -11.79 20.71
CA LEU B 200 -12.10 -11.07 21.10
C LEU B 200 -10.89 -11.58 20.32
N ILE B 201 -10.08 -10.66 19.80
CA ILE B 201 -8.84 -10.97 19.08
C ILE B 201 -7.67 -10.97 20.08
N VAL B 202 -6.88 -12.04 20.04
CA VAL B 202 -5.82 -12.31 21.03
C VAL B 202 -4.56 -12.80 20.34
N ILE B 203 -3.48 -12.94 21.11
CA ILE B 203 -2.19 -13.42 20.60
C ILE B 203 -1.96 -14.86 21.05
N ARG B 204 -1.63 -15.73 20.09
CA ARG B 204 -1.41 -17.16 20.32
C ARG B 204 -0.21 -17.67 19.50
N ARG B 205 0.37 -18.80 19.91
CA ARG B 205 1.39 -19.50 19.11
C ARG B 205 0.83 -19.76 17.71
N CYS B 206 1.67 -19.54 16.69
CA CYS B 206 1.23 -19.68 15.30
C CYS B 206 0.99 -21.15 14.97
N ASP B 207 -0.07 -21.41 14.22
CA ASP B 207 -0.51 -22.78 13.93
C ASP B 207 -1.08 -22.96 12.51
N GLY B 208 -0.74 -22.06 11.59
CA GLY B 208 -1.22 -22.12 10.20
C GLY B 208 -2.72 -22.05 9.99
N SER B 209 -3.45 -21.55 10.99
CA SER B 209 -4.90 -21.67 11.06
C SER B 209 -5.62 -20.49 10.39
N ILE B 210 -6.94 -20.62 10.25
CA ILE B 210 -7.78 -19.57 9.64
C ILE B 210 -7.79 -18.32 10.53
N ASN B 211 -7.78 -18.54 11.84
CA ASN B 211 -7.81 -17.46 12.84
C ASN B 211 -6.65 -16.46 12.76
N GLN B 212 -5.53 -16.87 12.16
CA GLN B 212 -4.32 -16.05 12.08
C GLN B 212 -3.97 -15.50 10.70
N ARG B 213 -4.82 -15.73 9.70
CA ARG B 213 -4.63 -15.13 8.36
C ARG B 213 -5.28 -13.75 8.31
N TRP B 214 -4.48 -12.74 7.95
CA TRP B 214 -4.94 -11.34 7.91
C TRP B 214 -4.51 -10.64 6.62
N VAL B 215 -5.47 -10.01 5.96
CA VAL B 215 -5.24 -9.25 4.73
C VAL B 215 -5.38 -7.76 5.02
N PHE B 216 -4.40 -6.97 4.60
CA PHE B 216 -4.51 -5.51 4.67
C PHE B 216 -5.10 -5.03 3.35
N THR B 217 -6.36 -4.61 3.39
CA THR B 217 -7.13 -4.33 2.17
C THR B 217 -6.85 -2.89 1.66
N PRO B 218 -7.11 -2.62 0.37
CA PRO B 218 -6.92 -1.26 -0.13
C PRO B 218 -7.92 -0.28 0.48
N GLN B 219 -9.14 -0.74 0.75
CA GLN B 219 -10.15 0.07 1.44
C GLN B 219 -9.90 0.25 2.95
N GLY B 220 -8.69 0.00 3.42
CA GLY B 220 -8.24 0.42 4.75
C GLY B 220 -8.60 -0.48 5.92
N THR B 221 -9.18 -1.65 5.64
CA THR B 221 -9.54 -2.60 6.70
C THR B 221 -8.50 -3.70 6.83
N ILE B 222 -8.55 -4.40 7.96
CA ILE B 222 -7.75 -5.61 8.19
C ILE B 222 -8.73 -6.78 8.16
N SER B 223 -8.71 -7.55 7.06
CA SER B 223 -9.70 -8.59 6.77
C SER B 223 -9.21 -10.00 7.09
N ASN B 224 -10.09 -10.83 7.64
CA ASN B 224 -9.87 -12.26 7.84
C ASN B 224 -10.78 -12.98 6.83
N PRO B 225 -10.26 -13.28 5.63
CA PRO B 225 -11.17 -13.73 4.54
C PRO B 225 -11.98 -14.99 4.85
N GLY B 226 -11.41 -15.91 5.63
CA GLY B 226 -12.10 -17.14 6.03
C GLY B 226 -13.39 -16.88 6.76
N TYR B 227 -13.33 -16.01 7.78
CA TYR B 227 -14.50 -15.65 8.58
C TYR B 227 -15.29 -14.44 8.07
N GLU B 228 -15.00 -13.99 6.85
CA GLU B 228 -15.74 -12.90 6.18
C GLU B 228 -15.97 -11.68 7.08
N ALA B 229 -14.93 -11.28 7.79
CA ALA B 229 -15.03 -10.24 8.82
C ALA B 229 -13.71 -9.48 8.95
N VAL B 230 -13.75 -8.33 9.63
CA VAL B 230 -12.59 -7.44 9.74
C VAL B 230 -12.31 -7.06 11.20
N MET B 231 -11.06 -6.67 11.48
CA MET B 231 -10.71 -6.16 12.82
C MET B 231 -11.49 -4.88 13.10
N ASP B 232 -12.03 -4.79 14.31
CA ASP B 232 -12.81 -3.63 14.76
C ASP B 232 -12.48 -3.32 16.21
N VAL B 233 -12.59 -2.05 16.57
CA VAL B 233 -12.44 -1.60 17.95
C VAL B 233 -13.78 -1.78 18.66
N ALA B 234 -13.73 -2.24 19.91
CA ALA B 234 -14.94 -2.62 20.64
C ALA B 234 -15.73 -1.39 21.04
N GLN B 235 -16.98 -1.32 20.57
CA GLN B 235 -17.88 -0.17 20.80
C GLN B 235 -17.28 1.17 20.32
N ASN B 236 -16.39 1.09 19.32
CA ASN B 236 -15.53 2.19 18.91
C ASN B 236 -14.95 2.98 20.09
N ASP B 237 -14.49 2.25 21.11
CA ASP B 237 -13.94 2.85 22.32
C ASP B 237 -12.59 2.18 22.60
N VAL B 238 -11.53 2.93 22.38
CA VAL B 238 -10.16 2.44 22.55
C VAL B 238 -9.81 2.10 24.00
N TYR B 239 -10.47 2.75 24.96
CA TYR B 239 -10.21 2.54 26.39
C TYR B 239 -10.87 1.30 26.98
N LEU B 240 -11.78 0.66 26.24
CA LEU B 240 -12.26 -0.68 26.58
C LEU B 240 -11.17 -1.76 26.45
N LYS B 241 -10.10 -1.46 25.69
CA LYS B 241 -8.93 -2.34 25.54
C LYS B 241 -9.26 -3.70 24.91
N LYS B 242 -10.15 -3.68 23.93
CA LYS B 242 -10.60 -4.89 23.25
C LYS B 242 -10.73 -4.63 21.76
N ILE B 243 -10.05 -5.46 20.97
CA ILE B 243 -10.19 -5.46 19.52
C ILE B 243 -10.94 -6.73 19.17
N VAL B 244 -11.96 -6.60 18.31
CA VAL B 244 -12.86 -7.69 17.99
C VAL B 244 -13.03 -7.86 16.49
N LEU B 245 -13.45 -9.05 16.09
CA LEU B 245 -13.72 -9.38 14.71
C LEU B 245 -15.18 -9.05 14.43
N SER B 246 -15.44 -8.27 13.38
CA SER B 246 -16.79 -7.78 13.07
C SER B 246 -17.09 -7.80 11.58
N SER B 247 -18.37 -7.87 11.25
CA SER B 247 -18.81 -7.70 9.86
C SER B 247 -18.48 -6.28 9.42
N ALA B 248 -18.09 -6.13 8.15
CA ALA B 248 -17.64 -4.82 7.63
C ALA B 248 -18.78 -3.82 7.60
N THR B 249 -18.58 -2.68 8.28
CA THR B 249 -19.56 -1.61 8.35
C THR B 249 -18.84 -0.27 8.35
N ASP B 250 -19.38 0.70 7.61
CA ASP B 250 -18.85 2.07 7.61
C ASP B 250 -19.36 2.91 8.80
N LYS B 251 -20.22 2.33 9.64
CA LYS B 251 -20.62 2.96 10.91
C LYS B 251 -19.44 2.98 11.89
N GLY B 252 -18.82 4.16 12.01
CA GLY B 252 -17.63 4.35 12.83
C GLY B 252 -16.35 4.27 12.02
N ASN B 253 -15.22 4.41 12.72
CA ASN B 253 -13.87 4.32 12.13
C ASN B 253 -12.97 3.30 12.83
N GLY B 254 -13.57 2.40 13.62
CA GLY B 254 -12.85 1.37 14.34
C GLY B 254 -12.33 0.27 13.44
N GLN B 255 -12.87 0.19 12.22
CA GLN B 255 -12.44 -0.79 11.21
C GLN B 255 -11.46 -0.23 10.18
N GLN B 256 -10.96 0.99 10.42
CA GLN B 256 -9.96 1.64 9.57
C GLN B 256 -8.59 1.59 10.21
N TRP B 257 -7.58 1.19 9.42
CA TRP B 257 -6.23 0.89 9.91
C TRP B 257 -5.15 1.28 8.89
N THR B 258 -3.98 1.64 9.40
CA THR B 258 -2.84 2.08 8.58
C THR B 258 -1.60 1.26 8.93
N VAL B 259 -0.75 1.02 7.94
CA VAL B 259 0.57 0.40 8.14
C VAL B 259 1.63 1.50 8.05
N PHE B 260 2.51 1.54 9.06
CA PHE B 260 3.57 2.56 9.14
C PHE B 260 4.90 1.89 9.52
N TYR B 261 5.83 1.90 8.57
CA TYR B 261 7.01 1.01 8.57
C TYR B 261 8.32 1.81 8.51
C1 NAG C . -5.15 -28.31 -12.57
C2 NAG C . -3.99 -28.73 -13.42
C3 NAG C . -4.43 -29.59 -14.60
C4 NAG C . -5.51 -30.62 -14.30
C5 NAG C . -6.50 -30.05 -13.32
C6 NAG C . -7.26 -31.17 -12.68
C7 NAG C . -2.34 -27.02 -13.20
C8 NAG C . -1.51 -26.06 -13.94
N2 NAG C . -3.30 -27.55 -13.88
O3 NAG C . -3.34 -30.34 -15.06
O4 NAG C . -6.12 -31.10 -15.50
O5 NAG C . -5.78 -29.52 -12.26
O6 NAG C . -6.64 -31.41 -11.43
O7 NAG C . -2.11 -27.29 -12.08
C1 NAG C . -5.93 -32.52 -15.74
C2 NAG C . -6.83 -33.11 -16.85
C3 NAG C . -6.41 -34.51 -17.24
C4 NAG C . -4.93 -34.65 -17.37
C5 NAG C . -4.39 -34.30 -16.00
C6 NAG C . -2.93 -34.62 -15.74
C7 NAG C . -8.95 -32.30 -16.29
C8 NAG C . -9.91 -32.40 -15.16
N2 NAG C . -8.15 -33.30 -16.35
O3 NAG C . -6.98 -34.82 -18.50
O4 NAG C . -4.65 -35.97 -17.84
O5 NAG C . -4.59 -32.89 -15.95
O6 NAG C . -2.72 -34.67 -14.33
O7 NAG C . -8.90 -31.37 -17.06
C1 NAG D . 6.36 -36.59 0.12
C2 NAG D . 6.04 -37.60 1.24
C3 NAG D . 6.83 -38.89 1.11
C4 NAG D . 6.50 -39.41 -0.28
C5 NAG D . 7.12 -38.43 -1.26
C6 NAG D . 6.94 -38.95 -2.66
C7 NAG D . 5.46 -36.95 3.53
C8 NAG D . 6.13 -36.82 4.84
N2 NAG D . 6.29 -36.99 2.51
O3 NAG D . 6.38 -39.77 2.13
O4 NAG D . 6.86 -40.78 -0.57
O5 NAG D . 6.47 -37.18 -1.17
O6 NAG D . 5.89 -38.29 -3.31
O7 NAG D . 4.28 -37.02 3.40
C1 FUC D . 7.21 -39.90 3.32
C2 FUC D . 6.50 -41.08 3.92
C3 FUC D . 6.48 -42.10 2.81
C4 FUC D . 7.90 -42.54 2.51
C5 FUC D . 8.56 -41.33 1.95
C6 FUC D . 9.99 -41.62 1.62
O2 FUC D . 5.20 -40.71 4.28
O3 FUC D . 5.65 -43.22 3.09
O4 FUC D . 8.59 -42.77 3.70
O5 FUC D . 8.51 -40.31 2.95
C1 NAG E . 6.75 -41.43 -1.38
C2 NAG E . 7.76 -42.42 -1.97
C3 NAG E . 7.00 -43.52 -2.69
C4 NAG E . 5.97 -44.16 -1.76
C5 NAG E . 5.12 -43.13 -1.03
C6 NAG E . 4.28 -43.82 0.04
C7 NAG E . 9.87 -41.29 -2.54
C8 NAG E . 10.66 -40.65 -3.63
N2 NAG E . 8.67 -41.77 -2.89
O3 NAG E . 7.93 -44.52 -3.15
O4 NAG E . 5.11 -44.99 -2.56
O5 NAG E . 5.93 -42.12 -0.44
O6 NAG E . 3.46 -42.85 0.70
O7 NAG E . 10.30 -41.35 -1.40
C1 BMA E . 5.31 -46.39 -2.27
C2 BMA E . 4.24 -47.18 -3.00
C3 BMA E . 4.37 -48.65 -2.65
C4 BMA E . 5.81 -49.17 -2.79
C5 BMA E . 6.86 -48.21 -2.25
C6 BMA E . 8.26 -48.61 -2.74
O2 BMA E . 4.39 -46.97 -4.42
O3 BMA E . 3.49 -49.42 -3.48
O4 BMA E . 5.93 -50.42 -2.09
O5 BMA E . 6.60 -46.86 -2.67
O6 BMA E . 9.25 -47.70 -2.25
C2 BGC F . 20.87 -33.38 -2.61
C3 BGC F . 19.99 -32.14 -2.64
C4 BGC F . 20.79 -30.86 -2.85
C5 BGC F . 21.86 -31.00 -3.95
C6 BGC F . 22.78 -29.79 -4.00
C1 BGC F . 21.82 -33.38 -3.81
O1 BGC F . 22.64 -34.55 -3.80
O2 BGC F . 20.03 -34.55 -2.59
O3 BGC F . 19.31 -32.09 -1.38
O4 BGC F . 19.94 -29.78 -3.26
O5 BGC F . 22.63 -32.20 -3.75
O6 BGC F . 23.33 -29.49 -2.70
C1 GAL F . 19.31 -29.00 -2.23
C2 GAL F . 18.86 -27.67 -2.84
C3 GAL F . 17.78 -26.96 -2.02
C4 GAL F . 16.69 -27.93 -1.50
C5 GAL F . 17.38 -29.06 -0.77
C6 GAL F . 16.39 -30.04 -0.15
O2 GAL F . 19.98 -26.79 -2.96
O3 GAL F . 17.21 -25.90 -2.80
O4 GAL F . 15.91 -28.45 -2.59
O5 GAL F . 18.20 -29.76 -1.72
O6 GAL F . 17.11 -31.00 0.63
C1 NAG G . 8.60 21.64 -18.47
C2 NAG G . 10.08 21.28 -18.62
C3 NAG G . 10.48 21.21 -20.10
C4 NAG G . 9.56 20.22 -20.81
C5 NAG G . 8.10 20.58 -20.57
C6 NAG G . 7.16 19.55 -21.19
C7 NAG G . 11.08 23.48 -17.99
C8 NAG G . 12.03 24.15 -17.02
N2 NAG G . 10.95 22.16 -17.82
O3 NAG G . 11.84 20.80 -20.24
O4 NAG G . 9.84 20.21 -22.22
O5 NAG G . 7.82 20.66 -19.17
O6 NAG G . 5.81 19.81 -20.77
O7 NAG G . 10.50 24.14 -18.85
C1 XYP H . 3.17 -46.28 -5.09
C2 XYP H . 4.27 -45.62 -5.94
C3 XYP H . 3.63 -44.84 -7.08
C4 XYP H . 2.69 -45.77 -7.85
C5 XYP H . 1.71 -46.42 -6.87
O2 XYP H . 5.03 -44.73 -5.12
O3 XYP H . 4.64 -44.35 -7.96
O4 XYP H . 1.95 -45.03 -8.83
O5 XYP H . 2.42 -47.18 -5.91
#